data_3GA0
#
_entry.id   3GA0
#
_cell.length_a   89.197
_cell.length_b   89.197
_cell.length_c   160.259
_cell.angle_alpha   90.00
_cell.angle_beta   90.00
_cell.angle_gamma   120.00
#
_symmetry.space_group_name_H-M   'P 64 2 2'
#
loop_
_entity.id
_entity.type
_entity.pdbx_description
1 polymer 'C-terminal-binding protein 1'
2 non-polymer 'FORMIC ACID'
3 water water
#
_entity_poly.entity_id   1
_entity_poly.type   'polypeptide(L)'
_entity_poly.pdbx_seq_one_letter_code
;MGHHHHHHMSGVRPPIMNGPMHPRPLVALLDGRDCTVEMPILKDVATVAFCDAQSTQEIHEKVLNEAVGALMYHTITLTR
EDLEKFKALRIIVRIGSGFDNIDIKSAGDLGIAVCNVPAASVEETADSTLCHILNLYRRTTWLHQALREGTRVQSVEQIR
EVASGAARIRGETLGIIGLERVGQAVALRAKAFGFNVLFYDPYLSDGIERALGLQRVSTLQDLLFHSDCVTLHCGLNEHN
HHLINDFTVKQMRQGAFLVNTARGGLVDEKALAQALKEGRIRGAALDVHESEPFSFSQGPLKDAPNLICTPHAAWYSEQA
SIEMREEAAREIRRAITGRIPDSLKNCVNKDHLTAATH
;
_entity_poly.pdbx_strand_id   A
#
loop_
_chem_comp.id
_chem_comp.type
_chem_comp.name
_chem_comp.formula
FMT non-polymer 'FORMIC ACID' 'C H2 O2'
#
# COMPACT_ATOMS: atom_id res chain seq x y z
N ASN A 18 2.01 4.98 34.37
CA ASN A 18 2.96 5.60 35.28
C ASN A 18 4.22 4.76 35.48
N GLY A 19 4.96 4.56 34.40
CA GLY A 19 6.20 3.81 34.45
C GLY A 19 7.37 4.67 34.92
N PRO A 20 8.52 4.51 34.25
CA PRO A 20 9.81 4.47 34.95
C PRO A 20 10.36 5.87 35.19
N MET A 21 10.29 6.73 34.17
CA MET A 21 11.08 7.94 34.14
C MET A 21 10.45 9.00 33.23
N HIS A 22 11.11 10.14 33.11
CA HIS A 22 10.42 11.41 32.93
C HIS A 22 11.07 12.34 31.92
N PRO A 23 12.19 12.95 32.33
CA PRO A 23 12.40 14.36 31.99
C PRO A 23 11.49 14.81 30.84
N ARG A 24 11.95 14.62 29.61
CA ARG A 24 11.13 14.91 28.44
C ARG A 24 11.13 13.75 27.45
N PRO A 25 9.94 13.32 27.06
CA PRO A 25 9.67 11.89 26.83
C PRO A 25 10.36 11.39 25.57
N LEU A 26 10.61 10.08 25.51
CA LEU A 26 11.36 9.50 24.41
C LEU A 26 10.44 9.08 23.27
N VAL A 27 10.82 9.42 22.05
CA VAL A 27 10.07 9.01 20.87
C VAL A 27 10.99 8.40 19.81
N ALA A 28 10.73 7.15 19.47
CA ALA A 28 11.66 6.38 18.63
C ALA A 28 11.15 6.04 17.23
N LEU A 29 11.99 6.31 16.23
CA LEU A 29 11.73 5.91 14.86
C LEU A 29 12.20 4.47 14.68
N LEU A 30 11.26 3.55 14.61
CA LEU A 30 11.56 2.14 14.76
C LEU A 30 12.31 1.52 13.58
N ASP A 31 11.77 1.68 12.37
CA ASP A 31 12.37 1.07 11.17
C ASP A 31 13.00 2.09 10.20
N GLY A 32 13.69 3.09 10.77
CA GLY A 32 14.37 4.10 9.98
C GLY A 32 15.53 4.75 10.73
N ARG A 33 16.25 5.62 10.04
CA ARG A 33 17.42 6.26 10.61
C ARG A 33 17.53 7.74 10.22
N ASP A 34 16.41 8.31 9.79
CA ASP A 34 16.36 9.73 9.47
C ASP A 34 15.18 10.43 10.10
N CYS A 35 15.48 11.43 10.93
CA CYS A 35 14.48 12.20 11.62
C CYS A 35 14.63 13.71 11.36
N THR A 36 15.29 14.05 10.25
CA THR A 36 15.63 15.45 9.95
C THR A 36 14.43 16.29 9.57
N VAL A 37 13.36 15.64 9.13
CA VAL A 37 12.11 16.33 8.86
C VAL A 37 11.30 16.49 10.16
N GLU A 38 11.40 15.50 11.04
CA GLU A 38 10.63 15.49 12.28
C GLU A 38 11.27 16.40 13.32
N MET A 39 12.58 16.62 13.19
CA MET A 39 13.34 17.30 14.23
C MET A 39 12.91 18.69 14.66
N PRO A 40 12.51 19.56 13.71
CA PRO A 40 12.12 20.91 14.12
C PRO A 40 10.73 20.96 14.75
N ILE A 41 9.92 19.95 14.50
CA ILE A 41 8.59 19.87 15.09
C ILE A 41 8.68 19.23 16.48
N LEU A 42 9.54 18.23 16.63
CA LEU A 42 9.66 17.46 17.86
C LEU A 42 10.69 17.98 18.86
N LYS A 43 11.68 18.71 18.36
CA LYS A 43 12.84 19.15 19.15
C LYS A 43 12.55 19.44 20.62
N ASP A 44 11.72 20.45 20.88
CA ASP A 44 11.48 20.94 22.23
C ASP A 44 10.63 20.02 23.11
N VAL A 45 9.81 19.18 22.50
CA VAL A 45 8.90 18.33 23.29
C VAL A 45 9.31 16.85 23.41
N ALA A 46 10.28 16.42 22.63
CA ALA A 46 10.71 15.02 22.67
C ALA A 46 12.22 14.81 22.56
N THR A 47 12.65 13.66 23.06
CA THR A 47 14.02 13.19 22.91
C THR A 47 14.01 12.30 21.69
N VAL A 48 14.71 12.73 20.64
CA VAL A 48 14.69 12.02 19.36
C VAL A 48 15.78 10.96 19.30
N ALA A 49 15.38 9.75 18.92
CA ALA A 49 16.31 8.65 18.69
C ALA A 49 15.70 7.66 17.71
N PHE A 50 16.53 7.11 16.83
CA PHE A 50 16.08 6.17 15.81
C PHE A 50 16.80 4.84 15.97
N CYS A 51 16.04 3.76 15.81
CA CYS A 51 16.56 2.43 16.05
C CYS A 51 16.91 1.63 14.79
N ASP A 52 16.59 2.19 13.63
CA ASP A 52 16.93 1.57 12.33
C ASP A 52 16.76 0.05 12.37
N ALA A 53 15.66 -0.39 12.97
CA ALA A 53 15.43 -1.79 13.30
C ALA A 53 14.49 -2.49 12.34
N GLN A 54 14.96 -3.63 11.83
CA GLN A 54 14.18 -4.46 10.91
C GLN A 54 13.10 -5.24 11.65
N SER A 55 13.39 -5.63 12.90
CA SER A 55 12.38 -6.23 13.78
C SER A 55 12.51 -5.73 15.23
N THR A 56 11.71 -6.33 16.12
CA THR A 56 11.67 -5.95 17.53
C THR A 56 12.94 -6.32 18.28
N GLN A 57 13.66 -7.33 17.78
CA GLN A 57 14.91 -7.78 18.38
C GLN A 57 16.04 -6.73 18.22
N GLU A 58 16.00 -6.01 17.10
CA GLU A 58 17.05 -5.06 16.76
C GLU A 58 16.89 -3.72 17.49
N ILE A 59 15.75 -3.54 18.17
CA ILE A 59 15.49 -2.35 18.98
C ILE A 59 16.10 -2.55 20.37
N HIS A 60 16.96 -1.62 20.78
CA HIS A 60 17.70 -1.73 22.04
C HIS A 60 16.80 -1.87 23.28
N GLU A 61 17.41 -2.20 24.42
CA GLU A 61 16.69 -2.44 25.67
C GLU A 61 15.99 -1.17 26.19
N LYS A 62 16.73 -0.07 26.26
CA LYS A 62 16.21 1.23 26.70
C LYS A 62 14.89 1.57 26.02
N VAL A 63 14.88 1.42 24.70
CA VAL A 63 13.76 1.81 23.84
C VAL A 63 12.46 1.09 24.19
N LEU A 64 12.52 -0.22 24.38
CA LEU A 64 11.32 -0.98 24.75
C LEU A 64 10.81 -0.55 26.12
N ASN A 65 11.73 -0.36 27.06
CA ASN A 65 11.40 -0.05 28.44
C ASN A 65 10.90 1.38 28.67
N GLU A 66 11.27 2.29 27.77
CA GLU A 66 11.07 3.73 28.00
C GLU A 66 10.25 4.49 26.95
N ALA A 67 10.35 4.08 25.70
CA ALA A 67 9.71 4.77 24.58
C ALA A 67 8.28 5.16 24.90
N VAL A 68 8.03 6.46 24.95
CA VAL A 68 6.69 6.97 25.20
C VAL A 68 5.91 6.94 23.89
N GLY A 69 6.54 7.39 22.81
CA GLY A 69 5.94 7.38 21.48
C GLY A 69 6.82 6.72 20.44
N ALA A 70 6.19 6.12 19.43
CA ALA A 70 6.94 5.47 18.34
C ALA A 70 6.49 5.93 16.97
N LEU A 71 7.47 6.17 16.09
CA LEU A 71 7.21 6.49 14.69
C LEU A 71 7.74 5.35 13.85
N MET A 72 6.95 4.95 12.85
CA MET A 72 7.34 3.79 12.03
C MET A 72 6.77 3.81 10.62
N TYR A 73 7.48 3.14 9.72
CA TYR A 73 7.03 2.94 8.35
C TYR A 73 6.50 1.51 8.18
N HIS A 74 6.73 0.93 7.01
CA HIS A 74 6.15 -0.37 6.68
C HIS A 74 7.11 -1.54 6.87
N THR A 75 8.38 -1.24 7.14
CA THR A 75 9.43 -2.26 7.24
C THR A 75 9.22 -3.28 8.37
N ILE A 76 8.77 -2.80 9.52
CA ILE A 76 8.60 -3.67 10.69
C ILE A 76 7.14 -3.97 11.02
N THR A 77 6.84 -5.25 11.20
CA THR A 77 5.53 -5.71 11.67
C THR A 77 5.50 -5.71 13.20
N LEU A 78 4.41 -5.20 13.77
CA LEU A 78 4.25 -5.21 15.22
C LEU A 78 3.06 -6.07 15.66
N THR A 79 3.39 -7.16 16.35
CA THR A 79 2.42 -8.12 16.87
C THR A 79 2.22 -7.92 18.36
N ARG A 80 1.16 -8.53 18.90
CA ARG A 80 0.88 -8.55 20.34
C ARG A 80 2.15 -8.86 21.15
N GLU A 81 2.91 -9.87 20.73
CA GLU A 81 4.20 -10.21 21.35
C GLU A 81 5.15 -9.01 21.43
N ASP A 82 5.31 -8.31 20.30
CA ASP A 82 6.16 -7.11 20.22
C ASP A 82 5.64 -5.99 21.10
N LEU A 83 4.31 -5.83 21.11
CA LEU A 83 3.65 -4.77 21.85
C LEU A 83 3.74 -4.98 23.36
N GLU A 84 3.59 -6.24 23.81
CA GLU A 84 3.70 -6.60 25.22
C GLU A 84 5.05 -6.20 25.84
N LYS A 85 6.06 -6.07 24.97
CA LYS A 85 7.43 -5.79 25.39
C LYS A 85 7.67 -4.33 25.77
N PHE A 86 7.00 -3.42 25.06
CA PHE A 86 7.09 -1.99 25.36
C PHE A 86 6.43 -1.68 26.71
N LYS A 87 7.14 -0.94 27.56
CA LYS A 87 6.72 -0.75 28.95
C LYS A 87 6.05 0.58 29.27
N ALA A 88 6.43 1.63 28.55
CA ALA A 88 5.87 2.97 28.79
C ALA A 88 5.20 3.51 27.54
N LEU A 89 4.89 2.62 26.59
CA LEU A 89 4.41 3.04 25.27
C LEU A 89 2.98 3.54 25.30
N ARG A 90 2.81 4.78 24.82
CA ARG A 90 1.52 5.44 24.80
C ARG A 90 0.95 5.55 23.38
N ILE A 91 1.81 5.85 22.40
CA ILE A 91 1.38 5.99 21.01
C ILE A 91 2.36 5.40 19.99
N ILE A 92 1.82 4.83 18.93
CA ILE A 92 2.60 4.46 17.76
C ILE A 92 1.99 5.12 16.54
N VAL A 93 2.75 6.02 15.93
CA VAL A 93 2.29 6.72 14.73
C VAL A 93 2.94 6.14 13.49
N ARG A 94 2.10 5.78 12.51
CA ARG A 94 2.56 5.20 11.25
C ARG A 94 2.74 6.29 10.19
N ILE A 95 3.95 6.37 9.64
CA ILE A 95 4.25 7.35 8.58
C ILE A 95 3.80 6.80 7.25
N GLY A 96 2.55 7.10 6.92
CA GLY A 96 1.90 6.55 5.74
C GLY A 96 0.45 6.19 6.02
N SER A 97 -0.21 5.62 5.02
CA SER A 97 -1.62 5.28 5.11
C SER A 97 -1.84 3.96 5.83
N GLY A 98 -1.44 2.85 5.20
CA GLY A 98 -1.71 1.49 5.69
C GLY A 98 -1.03 1.11 6.99
N PHE A 99 -1.78 0.43 7.86
CA PHE A 99 -1.28 0.03 9.18
C PHE A 99 -1.55 -1.44 9.48
N ASP A 100 -1.64 -2.22 8.41
CA ASP A 100 -1.76 -3.68 8.51
C ASP A 100 -0.53 -4.32 9.16
N ASN A 101 0.62 -3.64 9.04
CA ASN A 101 1.85 -4.07 9.70
C ASN A 101 1.80 -3.86 11.20
N ILE A 102 0.61 -3.61 11.72
CA ILE A 102 0.37 -3.36 13.14
C ILE A 102 -0.88 -4.09 13.60
N ASP A 103 -0.77 -4.81 14.72
CA ASP A 103 -1.94 -5.38 15.38
C ASP A 103 -2.63 -4.27 16.17
N ILE A 104 -3.53 -3.54 15.51
CA ILE A 104 -4.15 -2.36 16.12
C ILE A 104 -5.14 -2.71 17.24
N LYS A 105 -5.77 -3.88 17.12
CA LYS A 105 -6.68 -4.42 18.15
C LYS A 105 -5.93 -4.50 19.46
N SER A 106 -4.93 -5.39 19.48
CA SER A 106 -4.20 -5.70 20.69
C SER A 106 -3.31 -4.57 21.16
N ALA A 107 -2.99 -3.63 20.27
CA ALA A 107 -2.23 -2.43 20.61
C ALA A 107 -3.03 -1.51 21.53
N GLY A 108 -4.32 -1.35 21.22
CA GLY A 108 -5.24 -0.58 22.05
C GLY A 108 -5.63 -1.33 23.31
N ASP A 109 -5.72 -2.66 23.18
CA ASP A 109 -5.98 -3.54 24.33
C ASP A 109 -4.89 -3.39 25.40
N LEU A 110 -3.74 -2.85 25.00
CA LEU A 110 -2.65 -2.54 25.93
C LEU A 110 -2.60 -1.06 26.31
N GLY A 111 -3.44 -0.26 25.67
CA GLY A 111 -3.51 1.17 25.95
C GLY A 111 -2.74 2.06 24.99
N ILE A 112 -2.10 1.45 24.00
CA ILE A 112 -1.36 2.21 23.00
C ILE A 112 -2.29 2.60 21.86
N ALA A 113 -2.47 3.91 21.68
CA ALA A 113 -3.23 4.44 20.55
C ALA A 113 -2.37 4.45 19.30
N VAL A 114 -2.92 3.93 18.21
CA VAL A 114 -2.22 3.89 16.94
C VAL A 114 -2.89 4.88 15.97
N CYS A 115 -2.06 5.56 15.17
CA CYS A 115 -2.52 6.57 14.22
C CYS A 115 -1.89 6.37 12.85
N ASN A 116 -2.35 7.13 11.86
CA ASN A 116 -1.74 7.09 10.53
C ASN A 116 -1.79 8.42 9.78
N VAL A 117 -1.12 8.46 8.63
CA VAL A 117 -1.20 9.61 7.72
C VAL A 117 -1.97 9.19 6.44
N PRO A 118 -3.28 9.50 6.42
CA PRO A 118 -4.17 8.94 5.39
C PRO A 118 -4.06 9.58 4.01
N ALA A 119 -3.55 10.81 3.92
CA ALA A 119 -3.82 11.69 2.78
C ALA A 119 -2.64 11.99 1.86
N ALA A 120 -1.44 12.06 2.45
CA ALA A 120 -0.27 12.63 1.78
C ALA A 120 -0.07 12.15 0.35
N SER A 121 -0.02 10.84 0.15
CA SER A 121 0.36 10.27 -1.13
C SER A 121 -0.82 9.73 -1.94
N VAL A 122 -2.01 10.25 -1.69
CA VAL A 122 -3.22 9.76 -2.37
C VAL A 122 -3.11 9.88 -3.88
N GLU A 123 -2.72 11.05 -4.36
CA GLU A 123 -2.61 11.28 -5.81
C GLU A 123 -1.34 10.69 -6.43
N GLU A 124 -0.23 10.71 -5.69
CA GLU A 124 0.99 10.04 -6.14
C GLU A 124 0.73 8.56 -6.43
N THR A 125 -0.05 7.92 -5.57
CA THR A 125 -0.37 6.51 -5.69
C THR A 125 -1.27 6.29 -6.91
N ALA A 126 -2.28 7.13 -7.07
CA ALA A 126 -3.21 7.02 -8.19
C ALA A 126 -2.51 7.25 -9.52
N ASP A 127 -1.46 8.06 -9.50
CA ASP A 127 -0.68 8.33 -10.70
C ASP A 127 0.17 7.13 -11.12
N SER A 128 0.91 6.56 -10.17
CA SER A 128 1.67 5.33 -10.43
C SER A 128 0.73 4.24 -10.92
N THR A 129 -0.47 4.22 -10.35
CA THR A 129 -1.50 3.24 -10.70
C THR A 129 -1.85 3.38 -12.17
N LEU A 130 -2.22 4.59 -12.57
CA LEU A 130 -2.52 4.84 -13.96
C LEU A 130 -1.31 4.53 -14.83
N CYS A 131 -0.13 4.94 -14.37
CA CYS A 131 1.09 4.58 -15.05
C CYS A 131 1.13 3.08 -15.32
N HIS A 132 0.93 2.28 -14.27
CA HIS A 132 0.94 0.82 -14.36
C HIS A 132 -0.08 0.27 -15.35
N ILE A 133 -1.30 0.79 -15.28
CA ILE A 133 -2.38 0.39 -16.15
C ILE A 133 -2.00 0.66 -17.59
N LEU A 134 -1.49 1.87 -17.83
CA LEU A 134 -1.03 2.31 -19.16
C LEU A 134 0.20 1.52 -19.63
N ASN A 135 1.08 1.16 -18.71
CA ASN A 135 2.26 0.37 -19.03
C ASN A 135 1.95 -1.06 -19.51
N LEU A 136 0.85 -1.62 -19.00
CA LEU A 136 0.40 -2.94 -19.45
C LEU A 136 -0.30 -2.81 -20.80
N TYR A 137 -1.21 -1.84 -20.92
CA TYR A 137 -1.97 -1.66 -22.15
C TYR A 137 -1.12 -1.23 -23.33
N ARG A 138 -0.12 -0.40 -23.07
CA ARG A 138 0.70 0.17 -24.14
C ARG A 138 2.05 -0.51 -24.26
N ARG A 139 2.40 -1.30 -23.23
CA ARG A 139 3.63 -2.12 -23.22
C ARG A 139 4.92 -1.26 -23.21
N THR A 140 4.75 0.02 -22.88
CA THR A 140 5.81 1.01 -22.92
C THR A 140 7.07 0.55 -22.20
N THR A 141 6.91 0.04 -20.98
CA THR A 141 8.03 -0.42 -20.17
C THR A 141 8.70 -1.64 -20.78
N TRP A 142 7.91 -2.68 -21.08
CA TRP A 142 8.43 -3.91 -21.67
C TRP A 142 9.11 -3.62 -23.00
N LEU A 143 8.51 -2.71 -23.77
CA LEU A 143 9.08 -2.26 -25.04
C LEU A 143 10.43 -1.57 -24.91
N HIS A 144 10.60 -0.82 -23.82
CA HIS A 144 11.86 -0.16 -23.54
C HIS A 144 12.91 -1.16 -23.04
N GLN A 145 12.48 -2.02 -22.13
CA GLN A 145 13.33 -3.09 -21.59
C GLN A 145 13.85 -3.99 -22.72
N ALA A 146 12.99 -4.26 -23.70
CA ALA A 146 13.38 -5.01 -24.90
C ALA A 146 14.49 -4.29 -25.65
N LEU A 147 14.29 -2.99 -25.88
CA LEU A 147 15.27 -2.16 -26.56
C LEU A 147 16.61 -2.12 -25.82
N ARG A 148 16.57 -1.95 -24.50
CA ARG A 148 17.77 -2.08 -23.68
C ARG A 148 18.41 -3.43 -23.93
N GLU A 149 17.62 -4.50 -23.79
CA GLU A 149 18.11 -5.87 -23.95
C GLU A 149 18.35 -6.26 -25.42
N GLY A 150 18.68 -5.25 -26.23
CA GLY A 150 19.23 -5.45 -27.56
C GLY A 150 18.29 -5.86 -28.68
N THR A 151 16.98 -5.89 -28.43
CA THR A 151 16.01 -6.21 -29.49
C THR A 151 16.06 -5.12 -30.57
N ARG A 152 15.62 -5.48 -31.78
CA ARG A 152 16.05 -4.78 -32.99
C ARG A 152 14.89 -4.49 -33.94
N VAL A 153 14.12 -3.46 -33.64
CA VAL A 153 12.88 -3.19 -34.38
C VAL A 153 13.11 -2.31 -35.61
N GLN A 154 12.63 -2.77 -36.76
CA GLN A 154 12.91 -2.15 -38.05
C GLN A 154 11.67 -1.98 -38.92
N SER A 155 11.08 -3.10 -39.34
CA SER A 155 9.89 -3.04 -40.18
C SER A 155 8.63 -2.80 -39.34
N VAL A 156 7.53 -2.49 -40.02
CA VAL A 156 6.23 -2.32 -39.38
C VAL A 156 5.76 -3.65 -38.81
N GLU A 157 5.98 -4.71 -39.58
CA GLU A 157 5.72 -6.09 -39.15
C GLU A 157 6.38 -6.39 -37.79
N GLN A 158 7.61 -5.92 -37.63
CA GLN A 158 8.34 -6.08 -36.38
C GLN A 158 7.76 -5.24 -35.25
N ILE A 159 7.34 -4.02 -35.58
CA ILE A 159 6.68 -3.14 -34.62
C ILE A 159 5.44 -3.83 -34.07
N ARG A 160 4.60 -4.33 -34.96
CA ARG A 160 3.43 -5.10 -34.58
C ARG A 160 3.83 -6.33 -33.76
N GLU A 161 4.97 -6.92 -34.09
CA GLU A 161 5.43 -8.15 -33.43
C GLU A 161 6.04 -7.90 -32.05
N VAL A 162 7.01 -7.00 -31.99
CA VAL A 162 7.68 -6.66 -30.74
C VAL A 162 6.74 -5.99 -29.73
N ALA A 163 5.73 -5.31 -30.23
CA ALA A 163 4.75 -4.67 -29.37
C ALA A 163 3.46 -5.48 -29.37
N SER A 164 3.55 -6.74 -29.82
CA SER A 164 2.38 -7.59 -29.99
C SER A 164 1.44 -7.54 -28.80
N GLY A 165 0.17 -7.33 -29.07
CA GLY A 165 -0.84 -7.29 -28.02
C GLY A 165 -0.84 -6.03 -27.17
N ALA A 166 -0.52 -4.90 -27.79
CA ALA A 166 -0.86 -3.61 -27.20
C ALA A 166 -2.34 -3.45 -27.51
N ALA A 167 -3.10 -2.83 -26.61
CA ALA A 167 -4.54 -2.74 -26.79
C ALA A 167 -5.07 -1.30 -26.86
N ARG A 168 -6.24 -1.17 -27.47
CA ARG A 168 -6.99 0.07 -27.48
C ARG A 168 -7.74 0.11 -26.18
N ILE A 169 -7.52 1.17 -25.41
CA ILE A 169 -8.12 1.28 -24.09
C ILE A 169 -9.62 1.53 -24.13
N ARG A 170 -10.07 2.44 -25.00
CA ARG A 170 -11.49 2.80 -25.07
C ARG A 170 -12.41 1.58 -25.14
N GLY A 171 -13.48 1.60 -24.35
CA GLY A 171 -14.39 0.47 -24.27
C GLY A 171 -13.99 -0.50 -23.18
N GLU A 172 -12.69 -0.67 -22.97
CA GLU A 172 -12.17 -1.59 -21.96
C GLU A 172 -12.70 -1.29 -20.57
N THR A 173 -13.05 -2.35 -19.85
CA THR A 173 -13.63 -2.22 -18.52
C THR A 173 -12.58 -2.36 -17.40
N LEU A 174 -12.39 -1.27 -16.67
CA LEU A 174 -11.52 -1.29 -15.50
C LEU A 174 -12.35 -1.53 -14.25
N GLY A 175 -12.12 -2.66 -13.61
CA GLY A 175 -12.74 -2.97 -12.33
C GLY A 175 -11.84 -2.57 -11.19
N ILE A 176 -12.36 -1.73 -10.31
CA ILE A 176 -11.59 -1.28 -9.15
C ILE A 176 -12.11 -1.94 -7.87
N ILE A 177 -11.20 -2.53 -7.11
CA ILE A 177 -11.54 -3.16 -5.83
C ILE A 177 -11.18 -2.23 -4.67
N GLY A 178 -12.19 -1.62 -4.06
CA GLY A 178 -12.00 -0.75 -2.92
C GLY A 178 -11.91 0.70 -3.35
N LEU A 179 -12.98 1.45 -3.10
CA LEU A 179 -13.08 2.82 -3.59
C LEU A 179 -12.97 3.82 -2.44
N GLU A 180 -12.40 3.37 -1.32
CA GLU A 180 -11.86 4.28 -0.35
C GLU A 180 -10.49 4.90 -0.65
N ARG A 181 -10.44 6.24 -0.60
CA ARG A 181 -9.28 6.98 -1.08
C ARG A 181 -8.92 6.40 -2.43
N VAL A 182 -7.67 5.99 -2.59
CA VAL A 182 -7.02 5.91 -3.90
C VAL A 182 -8.01 5.46 -4.97
N GLY A 183 -8.86 4.50 -4.62
CA GLY A 183 -9.83 3.96 -5.56
C GLY A 183 -10.50 5.06 -6.35
N GLN A 184 -10.96 6.08 -5.63
CA GLN A 184 -11.64 7.23 -6.22
C GLN A 184 -10.78 7.96 -7.28
N ALA A 185 -9.58 8.39 -6.90
CA ALA A 185 -8.70 9.15 -7.79
C ALA A 185 -8.34 8.36 -9.05
N VAL A 186 -8.10 7.06 -8.85
CA VAL A 186 -7.83 6.14 -9.95
C VAL A 186 -8.98 6.19 -10.94
N ALA A 187 -10.19 6.04 -10.42
CA ALA A 187 -11.39 5.99 -11.22
C ALA A 187 -11.56 7.25 -12.06
N LEU A 188 -11.51 8.42 -11.42
CA LEU A 188 -11.69 9.68 -12.14
C LEU A 188 -10.74 9.75 -13.32
N ARG A 189 -9.46 9.53 -13.05
CA ARG A 189 -8.45 9.51 -14.10
C ARG A 189 -8.86 8.54 -15.21
N ALA A 190 -9.14 7.30 -14.82
CA ALA A 190 -9.57 6.27 -15.77
C ALA A 190 -10.57 6.83 -16.76
N LYS A 191 -11.67 7.39 -16.25
CA LYS A 191 -12.73 7.98 -17.09
C LYS A 191 -12.20 8.69 -18.32
N ALA A 192 -11.26 9.61 -18.12
CA ALA A 192 -10.70 10.42 -19.20
C ALA A 192 -10.01 9.61 -20.31
N PHE A 193 -9.72 8.34 -20.06
CA PHE A 193 -9.03 7.52 -21.05
C PHE A 193 -9.97 6.66 -21.87
N GLY A 194 -11.26 6.79 -21.59
CA GLY A 194 -12.27 5.97 -22.26
C GLY A 194 -12.43 4.59 -21.61
N PHE A 195 -12.07 4.50 -20.33
CA PHE A 195 -12.25 3.25 -19.61
C PHE A 195 -13.68 3.15 -19.16
N ASN A 196 -14.24 1.95 -19.29
CA ASN A 196 -15.53 1.65 -18.72
C ASN A 196 -15.25 1.35 -17.26
N VAL A 197 -15.64 2.26 -16.38
CA VAL A 197 -15.23 2.15 -14.98
C VAL A 197 -16.34 1.66 -14.06
N LEU A 198 -16.10 0.49 -13.47
CA LEU A 198 -16.99 -0.03 -12.45
C LEU A 198 -16.15 -0.50 -11.27
N PHE A 199 -16.78 -0.60 -10.11
CA PHE A 199 -16.05 -0.95 -8.89
C PHE A 199 -16.79 -1.87 -7.93
N TYR A 200 -16.02 -2.46 -7.02
CA TYR A 200 -16.54 -3.27 -5.92
C TYR A 200 -15.92 -2.77 -4.63
N ASP A 201 -16.76 -2.32 -3.70
CA ASP A 201 -16.34 -1.99 -2.34
C ASP A 201 -17.47 -2.21 -1.35
N PRO A 202 -17.32 -3.21 -0.47
CA PRO A 202 -18.33 -3.55 0.53
C PRO A 202 -18.47 -2.51 1.67
N TYR A 203 -17.38 -1.98 2.19
CA TYR A 203 -17.46 -1.10 3.36
C TYR A 203 -17.95 0.31 3.05
N LEU A 204 -17.87 0.70 1.78
CA LEU A 204 -18.39 2.00 1.37
C LEU A 204 -19.91 2.03 1.40
N SER A 205 -20.46 3.18 1.79
CA SER A 205 -21.90 3.36 1.90
C SER A 205 -22.54 3.58 0.53
N ASP A 206 -23.80 3.17 0.41
CA ASP A 206 -24.59 3.35 -0.80
C ASP A 206 -24.79 4.83 -1.10
N GLY A 207 -24.85 5.17 -2.39
CA GLY A 207 -24.97 6.56 -2.79
C GLY A 207 -23.72 7.08 -3.48
N ILE A 208 -22.58 6.84 -2.87
CA ILE A 208 -21.29 7.36 -3.37
C ILE A 208 -21.09 7.13 -4.87
N GLU A 209 -21.51 5.97 -5.36
CA GLU A 209 -21.34 5.59 -6.77
C GLU A 209 -22.17 6.46 -7.70
N ARG A 210 -23.21 7.08 -7.14
CA ARG A 210 -24.06 8.01 -7.87
C ARG A 210 -23.40 9.38 -7.87
N ALA A 211 -23.01 9.84 -6.68
CA ALA A 211 -22.30 11.10 -6.53
C ALA A 211 -21.14 11.15 -7.49
N LEU A 212 -20.44 10.02 -7.63
CA LEU A 212 -19.25 9.93 -8.47
C LEU A 212 -19.52 9.43 -9.89
N GLY A 213 -20.75 8.96 -10.13
CA GLY A 213 -21.15 8.51 -11.45
C GLY A 213 -20.40 7.28 -11.90
N LEU A 214 -20.16 6.38 -10.95
CA LEU A 214 -19.48 5.11 -11.20
C LEU A 214 -20.44 3.93 -11.08
N GLN A 215 -20.26 2.92 -11.92
CA GLN A 215 -20.99 1.66 -11.78
C GLN A 215 -20.46 0.86 -10.59
N ARG A 216 -21.38 0.36 -9.76
CA ARG A 216 -21.00 -0.46 -8.62
C ARG A 216 -21.59 -1.84 -8.76
N VAL A 217 -20.78 -2.86 -8.50
CA VAL A 217 -21.27 -4.23 -8.43
C VAL A 217 -21.28 -4.68 -6.97
N SER A 218 -22.05 -5.72 -6.68
CA SER A 218 -22.25 -6.16 -5.31
C SER A 218 -21.28 -7.25 -4.85
N THR A 219 -21.09 -8.27 -5.69
CA THR A 219 -20.21 -9.38 -5.38
C THR A 219 -18.82 -9.18 -5.99
N LEU A 220 -17.83 -9.90 -5.45
CA LEU A 220 -16.44 -9.78 -5.90
C LEU A 220 -16.22 -10.44 -7.26
N GLN A 221 -16.81 -11.62 -7.42
CA GLN A 221 -16.72 -12.35 -8.67
C GLN A 221 -17.43 -11.61 -9.81
N ASP A 222 -18.41 -10.78 -9.45
CA ASP A 222 -19.03 -9.84 -10.39
C ASP A 222 -18.00 -9.00 -11.14
N LEU A 223 -17.21 -8.25 -10.37
CA LEU A 223 -16.18 -7.40 -10.91
C LEU A 223 -15.14 -8.22 -11.69
N LEU A 224 -14.66 -9.29 -11.07
CA LEU A 224 -13.74 -10.22 -11.72
C LEU A 224 -14.23 -10.66 -13.09
N PHE A 225 -15.51 -11.06 -13.14
CA PHE A 225 -16.12 -11.55 -14.36
C PHE A 225 -16.13 -10.50 -15.48
N HIS A 226 -16.38 -9.25 -15.10
CA HIS A 226 -16.70 -8.20 -16.08
C HIS A 226 -15.56 -7.24 -16.44
N SER A 227 -14.52 -7.19 -15.61
CA SER A 227 -13.39 -6.31 -15.86
C SER A 227 -12.39 -6.90 -16.85
N ASP A 228 -11.91 -6.07 -17.76
CA ASP A 228 -10.78 -6.42 -18.62
C ASP A 228 -9.47 -6.17 -17.88
N CYS A 229 -9.53 -5.23 -16.93
CA CYS A 229 -8.37 -4.89 -16.12
C CYS A 229 -8.80 -4.65 -14.67
N VAL A 230 -8.17 -5.36 -13.74
CA VAL A 230 -8.53 -5.31 -12.32
C VAL A 230 -7.44 -4.67 -11.47
N THR A 231 -7.76 -3.56 -10.82
CA THR A 231 -6.79 -2.94 -9.89
C THR A 231 -7.23 -3.02 -8.42
N LEU A 232 -6.23 -3.14 -7.54
CA LEU A 232 -6.47 -3.23 -6.11
C LEU A 232 -6.12 -1.95 -5.38
N HIS A 233 -7.04 -1.50 -4.54
CA HIS A 233 -6.85 -0.36 -3.65
C HIS A 233 -7.63 -0.62 -2.36
N CYS A 234 -7.24 -1.71 -1.69
CA CYS A 234 -8.02 -2.27 -0.59
C CYS A 234 -7.14 -2.43 0.65
N GLY A 235 -7.66 -2.03 1.80
CA GLY A 235 -6.96 -2.21 3.07
C GLY A 235 -6.76 -3.70 3.35
N LEU A 236 -5.68 -4.05 4.04
CA LEU A 236 -5.39 -5.44 4.37
C LEU A 236 -5.86 -5.80 5.78
N ASN A 237 -6.69 -6.84 5.88
CA ASN A 237 -7.17 -7.38 7.16
C ASN A 237 -7.49 -8.88 7.10
N GLU A 238 -8.13 -9.41 8.15
CA GLU A 238 -8.45 -10.83 8.29
C GLU A 238 -8.99 -11.48 7.01
N HIS A 239 -10.05 -10.87 6.47
CA HIS A 239 -10.86 -11.47 5.41
C HIS A 239 -10.17 -11.40 4.05
N ASN A 240 -9.76 -10.20 3.66
CA ASN A 240 -9.27 -9.96 2.29
C ASN A 240 -7.83 -10.42 2.00
N HIS A 241 -7.18 -11.03 3.00
CA HIS A 241 -5.90 -11.69 2.76
C HIS A 241 -6.08 -12.73 1.65
N HIS A 242 -5.12 -12.78 0.74
CA HIS A 242 -5.17 -13.68 -0.43
C HIS A 242 -6.53 -13.65 -1.14
N LEU A 243 -7.04 -12.43 -1.33
CA LEU A 243 -8.29 -12.18 -2.06
C LEU A 243 -8.23 -12.70 -3.49
N ILE A 244 -7.03 -12.66 -4.06
CA ILE A 244 -6.77 -13.24 -5.38
C ILE A 244 -5.99 -14.54 -5.19
N ASN A 245 -6.54 -15.64 -5.72
CA ASN A 245 -6.03 -16.98 -5.48
C ASN A 245 -6.62 -17.97 -6.49
N ASP A 246 -6.23 -19.23 -6.38
CA ASP A 246 -6.70 -20.31 -7.26
C ASP A 246 -8.18 -20.15 -7.68
N PHE A 247 -9.04 -19.95 -6.69
CA PHE A 247 -10.49 -19.86 -6.93
C PHE A 247 -10.85 -18.55 -7.64
N THR A 248 -10.49 -17.43 -7.03
CA THR A 248 -10.85 -16.11 -7.56
C THR A 248 -10.16 -15.79 -8.89
N VAL A 249 -8.89 -16.21 -9.03
CA VAL A 249 -8.13 -15.98 -10.27
C VAL A 249 -8.80 -16.61 -11.50
N LYS A 250 -9.51 -17.71 -11.26
CA LYS A 250 -10.23 -18.37 -12.33
C LYS A 250 -11.51 -17.59 -12.73
N GLN A 251 -12.03 -16.80 -11.79
CA GLN A 251 -13.23 -15.99 -12.02
C GLN A 251 -12.94 -14.74 -12.86
N MET A 252 -11.66 -14.51 -13.15
CA MET A 252 -11.24 -13.39 -14.02
C MET A 252 -11.38 -13.74 -15.50
N ARG A 253 -11.25 -12.73 -16.36
CA ARG A 253 -11.35 -12.93 -17.81
C ARG A 253 -10.08 -13.54 -18.39
N GLN A 254 -10.20 -14.04 -19.62
CA GLN A 254 -9.04 -14.49 -20.39
C GLN A 254 -8.12 -13.31 -20.69
N GLY A 255 -6.88 -13.41 -20.24
CA GLY A 255 -5.89 -12.36 -20.50
C GLY A 255 -6.25 -11.01 -19.89
N ALA A 256 -6.93 -11.03 -18.74
CA ALA A 256 -7.22 -9.80 -18.02
C ALA A 256 -5.96 -9.33 -17.31
N PHE A 257 -5.68 -8.02 -17.37
CA PHE A 257 -4.56 -7.42 -16.66
C PHE A 257 -4.85 -7.30 -15.16
N LEU A 258 -3.81 -7.43 -14.34
CA LEU A 258 -3.94 -7.19 -12.90
C LEU A 258 -2.95 -6.13 -12.41
N VAL A 259 -3.46 -5.14 -11.68
CA VAL A 259 -2.65 -4.11 -11.06
C VAL A 259 -2.84 -4.17 -9.55
N ASN A 260 -1.74 -4.14 -8.81
CA ASN A 260 -1.79 -4.15 -7.35
C ASN A 260 -0.76 -3.21 -6.73
N THR A 261 -1.22 -2.02 -6.34
CA THR A 261 -0.38 -1.08 -5.60
C THR A 261 -0.92 -0.85 -4.19
N ALA A 262 -1.98 -1.56 -3.85
CA ALA A 262 -2.34 -1.77 -2.45
C ALA A 262 -1.28 -2.60 -1.72
N ARG A 263 -1.73 -3.49 -0.84
CA ARG A 263 -0.83 -4.31 -0.05
C ARG A 263 -0.54 -5.63 -0.76
N GLY A 264 0.52 -6.31 -0.33
CA GLY A 264 1.01 -7.48 -1.03
C GLY A 264 0.25 -8.74 -0.67
N GLY A 265 -0.21 -8.81 0.56
CA GLY A 265 -0.86 -10.01 1.08
C GLY A 265 -2.23 -10.29 0.46
N LEU A 266 -2.60 -9.50 -0.54
CA LEU A 266 -3.91 -9.59 -1.17
C LEU A 266 -3.90 -10.54 -2.34
N VAL A 267 -2.71 -10.94 -2.77
CA VAL A 267 -2.57 -11.78 -3.94
C VAL A 267 -1.68 -12.97 -3.66
N ASP A 268 -2.23 -14.17 -3.84
CA ASP A 268 -1.45 -15.41 -3.77
C ASP A 268 -0.48 -15.47 -4.95
N GLU A 269 0.72 -14.95 -4.73
CA GLU A 269 1.75 -14.88 -5.78
C GLU A 269 1.96 -16.22 -6.46
N LYS A 270 1.79 -17.29 -5.68
CA LYS A 270 1.79 -18.66 -6.16
C LYS A 270 0.76 -18.83 -7.29
N ALA A 271 -0.49 -18.47 -7.00
CA ALA A 271 -1.58 -18.56 -7.97
C ALA A 271 -1.41 -17.58 -9.14
N LEU A 272 -0.87 -16.39 -8.86
CA LEU A 272 -0.66 -15.38 -9.89
C LEU A 272 0.46 -15.75 -10.85
N ALA A 273 1.59 -16.21 -10.30
CA ALA A 273 2.72 -16.66 -11.11
C ALA A 273 2.28 -17.76 -12.05
N GLN A 274 1.57 -18.74 -11.50
CA GLN A 274 1.00 -19.85 -12.25
C GLN A 274 0.13 -19.34 -13.40
N ALA A 275 -0.79 -18.44 -13.07
CA ALA A 275 -1.79 -17.91 -14.01
C ALA A 275 -1.19 -17.06 -15.12
N LEU A 276 -0.09 -16.38 -14.80
CA LEU A 276 0.64 -15.59 -15.79
C LEU A 276 1.28 -16.50 -16.84
N LYS A 277 1.97 -17.54 -16.41
CA LYS A 277 2.61 -18.47 -17.32
C LYS A 277 1.61 -19.18 -18.24
N GLU A 278 0.51 -19.67 -17.68
CA GLU A 278 -0.55 -20.36 -18.42
C GLU A 278 -1.26 -19.49 -19.46
N GLY A 279 -1.07 -18.17 -19.38
CA GLY A 279 -1.63 -17.22 -20.34
C GLY A 279 -3.00 -16.68 -19.99
N ARG A 280 -3.56 -17.14 -18.87
CA ARG A 280 -4.89 -16.74 -18.43
C ARG A 280 -4.96 -15.28 -17.95
N ILE A 281 -3.83 -14.78 -17.44
CA ILE A 281 -3.69 -13.36 -17.08
C ILE A 281 -2.57 -12.77 -17.94
N ARG A 282 -2.97 -11.89 -18.87
CA ARG A 282 -2.08 -11.38 -19.91
C ARG A 282 -0.84 -10.65 -19.38
N GLY A 283 -0.99 -10.04 -18.22
CA GLY A 283 0.12 -9.29 -17.61
C GLY A 283 -0.30 -8.68 -16.29
N ALA A 284 0.68 -8.49 -15.42
CA ALA A 284 0.45 -7.89 -14.11
C ALA A 284 1.48 -6.81 -13.84
N ALA A 285 1.08 -5.81 -13.07
CA ALA A 285 1.97 -4.74 -12.65
C ALA A 285 1.90 -4.64 -11.14
N LEU A 286 3.00 -4.94 -10.47
CA LEU A 286 3.01 -4.97 -9.02
C LEU A 286 4.02 -4.02 -8.42
N ASP A 287 3.56 -3.16 -7.52
CA ASP A 287 4.42 -2.32 -6.72
C ASP A 287 4.61 -3.00 -5.37
N VAL A 288 3.68 -3.89 -5.04
CA VAL A 288 3.71 -4.61 -3.78
C VAL A 288 3.66 -6.13 -3.95
N HIS A 289 4.74 -6.76 -3.51
CA HIS A 289 4.87 -8.21 -3.53
C HIS A 289 5.06 -8.63 -2.07
N GLU A 290 4.03 -9.20 -1.46
CA GLU A 290 4.05 -9.49 -0.03
C GLU A 290 5.06 -10.58 0.30
N SER A 291 6.32 -10.19 0.45
CA SER A 291 7.41 -11.16 0.48
C SER A 291 8.76 -10.46 0.63
N GLU A 292 9.21 -10.30 1.87
CA GLU A 292 9.90 -9.09 2.29
C GLU A 292 11.07 -8.78 1.36
N PRO A 293 11.60 -7.57 1.47
CA PRO A 293 12.27 -6.92 0.33
C PRO A 293 12.35 -7.69 -1.00
N PHE A 294 13.16 -8.73 -1.05
CA PHE A 294 13.58 -9.31 -2.32
C PHE A 294 12.38 -9.66 -3.19
N SER A 295 12.61 -9.81 -4.49
CA SER A 295 11.93 -10.83 -5.29
C SER A 295 12.63 -11.05 -6.63
N PHE A 296 11.87 -11.51 -7.62
CA PHE A 296 12.38 -11.60 -8.98
C PHE A 296 13.54 -12.57 -9.14
N SER A 297 14.29 -12.77 -8.06
CA SER A 297 15.35 -13.76 -8.03
C SER A 297 14.90 -14.90 -7.12
N GLN A 298 14.34 -14.55 -5.98
CA GLN A 298 13.62 -15.51 -5.14
C GLN A 298 12.15 -15.12 -5.01
N GLY A 299 11.29 -16.12 -4.87
CA GLY A 299 9.85 -15.94 -4.86
C GLY A 299 9.20 -16.65 -6.04
N PRO A 300 7.88 -16.88 -5.95
CA PRO A 300 7.15 -17.60 -7.01
C PRO A 300 7.23 -16.93 -8.38
N LEU A 301 7.36 -15.60 -8.37
CA LEU A 301 7.33 -14.79 -9.60
C LEU A 301 8.61 -14.90 -10.45
N LYS A 302 9.40 -15.94 -10.19
CA LYS A 302 10.60 -16.24 -10.95
C LYS A 302 10.25 -16.53 -12.40
N ASP A 303 10.76 -15.68 -13.30
CA ASP A 303 10.56 -15.84 -14.75
C ASP A 303 9.09 -15.80 -15.20
N ALA A 304 8.22 -15.27 -14.35
CA ALA A 304 6.83 -15.02 -14.73
C ALA A 304 6.83 -14.03 -15.90
N PRO A 305 6.22 -14.43 -17.03
CA PRO A 305 6.22 -13.57 -18.21
C PRO A 305 5.24 -12.43 -18.03
N ASN A 306 5.52 -11.29 -18.67
CA ASN A 306 4.66 -10.11 -18.62
C ASN A 306 4.34 -9.64 -17.20
N LEU A 307 5.37 -9.17 -16.48
CA LEU A 307 5.20 -8.79 -15.09
C LEU A 307 6.08 -7.61 -14.74
N ILE A 308 5.48 -6.42 -14.66
CA ILE A 308 6.20 -5.23 -14.25
C ILE A 308 6.32 -5.21 -12.73
N CYS A 309 7.46 -4.77 -12.23
CA CYS A 309 7.69 -4.67 -10.79
C CYS A 309 8.34 -3.34 -10.41
N THR A 310 7.76 -2.66 -9.44
CA THR A 310 8.40 -1.50 -8.83
C THR A 310 8.53 -1.80 -7.34
N PRO A 311 9.59 -1.27 -6.69
CA PRO A 311 9.88 -1.59 -5.28
C PRO A 311 9.13 -0.75 -4.25
N HIS A 312 7.82 -0.96 -4.14
CA HIS A 312 6.99 -0.32 -3.11
C HIS A 312 7.11 1.21 -3.14
N ALA A 313 7.03 1.79 -4.35
CA ALA A 313 7.33 3.20 -4.54
C ALA A 313 6.21 4.03 -5.16
N ALA A 314 5.02 3.44 -5.29
CA ALA A 314 3.87 4.17 -5.84
C ALA A 314 3.58 5.45 -5.06
N TRP A 315 3.75 5.37 -3.75
CA TRP A 315 3.50 6.48 -2.85
C TRP A 315 4.49 7.63 -2.99
N TYR A 316 5.75 7.30 -3.30
CA TYR A 316 6.86 8.25 -3.12
C TYR A 316 6.92 9.43 -4.08
N SER A 317 7.03 10.62 -3.50
CA SER A 317 7.59 11.79 -4.14
C SER A 317 8.18 12.62 -3.01
N GLU A 318 9.27 13.34 -3.27
CA GLU A 318 9.91 14.16 -2.23
C GLU A 318 8.89 14.93 -1.40
N GLN A 319 8.07 15.73 -2.08
CA GLN A 319 7.10 16.63 -1.43
C GLN A 319 6.07 15.90 -0.56
N ALA A 320 5.69 14.69 -0.98
CA ALA A 320 4.73 13.87 -0.25
C ALA A 320 5.36 13.26 1.00
N SER A 321 6.64 12.93 0.88
CA SER A 321 7.39 12.39 2.00
C SER A 321 7.54 13.46 3.08
N ILE A 322 8.07 14.62 2.71
CA ILE A 322 8.13 15.79 3.61
C ILE A 322 6.76 16.02 4.30
N GLU A 323 5.71 16.03 3.48
CA GLU A 323 4.35 16.27 3.96
C GLU A 323 3.93 15.26 5.02
N MET A 324 4.04 13.97 4.71
CA MET A 324 3.57 12.94 5.64
C MET A 324 4.44 12.86 6.88
N ARG A 325 5.73 13.17 6.74
CA ARG A 325 6.66 13.16 7.86
C ARG A 325 6.28 14.23 8.89
N GLU A 326 5.95 15.42 8.39
CA GLU A 326 5.55 16.52 9.24
C GLU A 326 4.21 16.25 9.92
N GLU A 327 3.27 15.64 9.19
CA GLU A 327 1.96 15.32 9.77
C GLU A 327 2.11 14.27 10.86
N ALA A 328 2.86 13.22 10.57
CA ALA A 328 3.20 12.21 11.57
C ALA A 328 3.84 12.86 12.81
N ALA A 329 4.81 13.74 12.57
CA ALA A 329 5.54 14.45 13.63
C ALA A 329 4.59 15.24 14.53
N ARG A 330 3.63 15.91 13.93
CA ARG A 330 2.64 16.70 14.67
C ARG A 330 1.70 15.82 15.50
N GLU A 331 1.24 14.72 14.92
CA GLU A 331 0.45 13.77 15.69
C GLU A 331 1.20 13.39 16.98
N ILE A 332 2.44 12.97 16.84
CA ILE A 332 3.31 12.69 18.01
C ILE A 332 3.32 13.86 19.00
N ARG A 333 3.48 15.08 18.48
CA ARG A 333 3.49 16.26 19.34
C ARG A 333 2.13 16.43 20.03
N ARG A 334 1.05 16.37 19.26
CA ARG A 334 -0.30 16.44 19.80
C ARG A 334 -0.48 15.38 20.89
N ALA A 335 0.05 14.18 20.66
CA ALA A 335 0.00 13.10 21.64
C ALA A 335 0.68 13.49 22.95
N ILE A 336 1.95 13.88 22.85
CA ILE A 336 2.77 14.19 24.02
C ILE A 336 2.29 15.40 24.81
N THR A 337 2.07 16.53 24.14
CA THR A 337 1.64 17.74 24.83
C THR A 337 0.15 17.75 25.14
N GLY A 338 -0.64 17.12 24.28
CA GLY A 338 -2.09 17.11 24.44
C GLY A 338 -2.60 15.92 25.25
N ARG A 339 -3.68 15.31 24.78
CA ARG A 339 -4.32 14.17 25.46
C ARG A 339 -4.78 13.04 24.55
N ILE A 340 -4.36 11.82 24.88
CA ILE A 340 -4.85 10.60 24.25
C ILE A 340 -6.29 10.38 24.73
N PRO A 341 -7.21 10.01 23.81
CA PRO A 341 -7.09 9.99 22.37
C PRO A 341 -7.81 11.20 21.76
N ASP A 342 -7.86 12.30 22.49
CA ASP A 342 -8.61 13.45 22.05
C ASP A 342 -7.83 14.31 21.07
N SER A 343 -6.64 14.74 21.49
CA SER A 343 -5.78 15.61 20.70
C SER A 343 -5.48 15.03 19.31
N LEU A 344 -5.38 13.71 19.24
CA LEU A 344 -5.01 13.01 18.02
C LEU A 344 -5.99 13.28 16.88
N LYS A 345 -5.46 13.62 15.72
CA LYS A 345 -6.26 13.90 14.52
C LYS A 345 -6.51 12.67 13.67
N ASN A 346 -5.59 11.72 13.73
CA ASN A 346 -5.64 10.56 12.84
C ASN A 346 -5.54 9.23 13.55
N CYS A 347 -6.27 9.09 14.65
CA CYS A 347 -6.29 7.83 15.38
C CYS A 347 -7.08 6.77 14.64
N VAL A 348 -6.59 5.54 14.68
CA VAL A 348 -7.19 4.45 13.92
C VAL A 348 -7.71 3.29 14.79
N ASN A 349 -7.44 3.35 16.09
CA ASN A 349 -7.98 2.38 17.03
C ASN A 349 -8.59 3.02 18.27
N LYS A 350 -9.48 3.99 18.02
CA LYS A 350 -10.30 4.60 19.06
C LYS A 350 -11.18 3.52 19.70
N ASP A 351 -11.64 2.60 18.86
CA ASP A 351 -12.55 1.51 19.24
C ASP A 351 -11.96 0.50 20.24
N HIS A 352 -10.64 0.40 20.30
CA HIS A 352 -9.98 -0.68 21.05
C HIS A 352 -9.21 -0.19 22.28
N LEU A 353 -9.43 1.05 22.71
CA LEU A 353 -8.57 1.68 23.74
C LEU A 353 -8.94 1.48 25.22
N THR A 354 -7.96 0.99 25.99
CA THR A 354 -7.99 1.02 27.47
C THR A 354 -6.82 1.90 27.94
C FMT B . 2.08 2.13 -1.05
O1 FMT B . 2.26 1.96 0.15
O2 FMT B . 0.97 2.06 -1.59
C FMT C . 5.41 3.93 2.98
O1 FMT C . 5.81 4.40 4.06
O2 FMT C . 4.25 3.53 2.80
#